data_5FC4
#
_entry.id   5FC4
#
_cell.length_a   51.327
_cell.length_b   61.605
_cell.length_c   42.216
_cell.angle_alpha   90.00
_cell.angle_beta   90.00
_cell.angle_gamma   90.00
#
_symmetry.space_group_name_H-M   'P 21 21 2'
#
loop_
_entity.id
_entity.type
_entity.pdbx_description
1 polymer 'Induced myeloid leukemia cell differentiation protein Mcl-1'
2 non-polymer 6-chloranyl-~{N}-methylsulfonyl-3-(3-naphthalen-1-yloxypropyl)-1~{H}-indole-2-carboxamide
3 non-polymer 2-[5-[1,1,2,2-tetrakis(fluoranyl)ethyl]-1~{H}-pyrazol-3-yl]phenol
4 water water
#
_entity_poly.entity_id   1
_entity_poly.type   'polypeptide(L)'
_entity_poly.pdbx_seq_one_letter_code
;GDELYRQSLEIISRYLREQATGAKDTKPMGRAGATSRKALETLRRVGDGVQRNHETAFQGMLRKLDIANEDDVKSLSRVM
IHVFSDGVTNWGRIVTLISFGAFVAKHLKTINQESCIAPLAESITDVLVRTKRDWLVAQRGWDGFVEFFH
;
_entity_poly.pdbx_strand_id   A
#
# COMPACT_ATOMS: atom_id res chain seq x y z
N GLY A 1 -19.20 2.51 12.61
CA GLY A 1 -17.87 2.04 12.37
C GLY A 1 -16.94 3.12 11.96
N ASP A 2 -15.99 2.72 11.15
CA ASP A 2 -14.95 3.61 10.61
C ASP A 2 -14.84 3.30 9.12
N GLU A 3 -15.67 3.98 8.33
CA GLU A 3 -15.79 3.62 6.92
C GLU A 3 -14.50 3.82 6.15
N LEU A 4 -13.73 4.88 6.46
CA LEU A 4 -12.48 5.10 5.75
C LEU A 4 -11.51 3.99 6.04
N TYR A 5 -11.43 3.53 7.29
CA TYR A 5 -10.52 2.44 7.56
C TYR A 5 -10.97 1.18 6.84
N ARG A 6 -12.27 0.88 6.89
CA ARG A 6 -12.81 -0.32 6.25
C ARG A 6 -12.46 -0.35 4.77
N GLN A 7 -12.73 0.76 4.09
CA GLN A 7 -12.43 0.85 2.66
C GLN A 7 -10.96 0.70 2.42
N SER A 8 -10.13 1.42 3.20
CA SER A 8 -8.68 1.36 2.98
C SER A 8 -8.14 -0.04 3.13
N LEU A 9 -8.52 -0.73 4.19
CA LEU A 9 -8.05 -2.09 4.40
C LEU A 9 -8.52 -3.02 3.29
N GLU A 10 -9.77 -2.85 2.82
CA GLU A 10 -10.25 -3.73 1.74
C GLU A 10 -9.46 -3.51 0.45
N ILE A 11 -9.24 -2.24 0.07
CA ILE A 11 -8.54 -1.92 -1.18
C ILE A 11 -7.11 -2.37 -1.12
N ILE A 12 -6.40 -2.00 -0.04
CA ILE A 12 -4.98 -2.33 0.02
C ILE A 12 -4.76 -3.82 0.18
N SER A 13 -5.54 -4.48 1.03
N SER A 13 -5.56 -4.50 1.01
CA SER A 13 -5.40 -5.92 1.20
CA SER A 13 -5.36 -5.94 1.18
C SER A 13 -5.66 -6.65 -0.10
C SER A 13 -5.68 -6.69 -0.09
N ARG A 14 -6.69 -6.25 -0.85
CA ARG A 14 -6.95 -6.97 -2.10
C ARG A 14 -5.79 -6.78 -3.07
N TYR A 15 -5.27 -5.56 -3.21
CA TYR A 15 -4.22 -5.34 -4.19
C TYR A 15 -2.98 -6.15 -3.80
N LEU A 16 -2.63 -6.11 -2.50
CA LEU A 16 -1.44 -6.87 -2.12
C LEU A 16 -1.64 -8.36 -2.33
N ARG A 17 -2.81 -8.89 -1.96
CA ARG A 17 -3.07 -10.33 -2.17
C ARG A 17 -3.02 -10.70 -3.64
N GLU A 18 -3.48 -9.83 -4.53
CA GLU A 18 -3.41 -10.10 -5.96
C GLU A 18 -1.96 -10.22 -6.42
N GLN A 19 -1.01 -9.61 -5.70
CA GLN A 19 0.41 -9.86 -6.06
C GLN A 19 0.83 -11.29 -5.87
N ALA A 20 0.22 -12.00 -4.94
CA ALA A 20 0.56 -13.40 -4.74
C ALA A 20 -0.29 -14.34 -5.56
N THR A 21 -1.57 -14.05 -5.72
CA THR A 21 -2.41 -15.01 -6.40
C THR A 21 -2.18 -14.87 -7.90
N ALA A 32 -18.96 -5.40 -2.98
CA ALA A 32 -18.19 -4.27 -2.55
C ALA A 32 -18.86 -2.98 -3.05
N GLY A 33 -18.61 -1.87 -2.33
CA GLY A 33 -19.12 -0.58 -2.75
C GLY A 33 -18.44 -0.07 -4.00
N ALA A 34 -19.09 0.88 -4.67
CA ALA A 34 -18.56 1.45 -5.91
C ALA A 34 -17.25 2.21 -5.69
N THR A 35 -17.15 3.00 -4.60
CA THR A 35 -15.87 3.66 -4.32
C THR A 35 -14.75 2.64 -4.20
N SER A 36 -14.98 1.54 -3.47
N SER A 36 -14.98 1.52 -3.51
CA SER A 36 -13.96 0.52 -3.30
CA SER A 36 -13.91 0.55 -3.34
C SER A 36 -13.57 -0.12 -4.63
C SER A 36 -13.57 -0.14 -4.64
N ARG A 37 -14.57 -0.47 -5.44
CA ARG A 37 -14.27 -1.13 -6.72
C ARG A 37 -13.50 -0.20 -7.63
N LYS A 38 -13.91 1.08 -7.69
CA LYS A 38 -13.25 2.02 -8.60
C LYS A 38 -11.86 2.32 -8.10
N ALA A 39 -11.67 2.42 -6.77
CA ALA A 39 -10.33 2.67 -6.21
C ALA A 39 -9.41 1.48 -6.46
N LEU A 40 -9.94 0.24 -6.35
CA LEU A 40 -9.06 -0.91 -6.64
C LEU A 40 -8.71 -0.95 -8.11
N GLU A 41 -9.65 -0.63 -9.01
CA GLU A 41 -9.32 -0.59 -10.44
C GLU A 41 -8.21 0.43 -10.68
N THR A 42 -8.36 1.61 -10.06
CA THR A 42 -7.36 2.67 -10.20
C THR A 42 -6.01 2.23 -9.64
N LEU A 43 -6.00 1.63 -8.43
CA LEU A 43 -4.77 1.21 -7.82
C LEU A 43 -4.08 0.15 -8.61
N ARG A 44 -4.84 -0.79 -9.19
CA ARG A 44 -4.20 -1.78 -10.09
C ARG A 44 -3.49 -1.09 -11.25
N ARG A 45 -4.21 -0.19 -11.92
CA ARG A 45 -3.65 0.44 -13.11
C ARG A 45 -2.44 1.31 -12.74
N VAL A 46 -2.61 2.17 -11.75
CA VAL A 46 -1.53 3.10 -11.38
C VAL A 46 -0.40 2.37 -10.72
N GLY A 47 -0.72 1.51 -9.74
CA GLY A 47 0.29 0.74 -9.01
C GLY A 47 1.08 -0.18 -9.90
N ASP A 48 0.45 -0.83 -10.86
CA ASP A 48 1.24 -1.68 -11.76
C ASP A 48 2.21 -0.85 -12.58
N GLY A 49 1.80 0.35 -13.03
CA GLY A 49 2.73 1.24 -13.72
C GLY A 49 3.85 1.76 -12.83
N VAL A 50 3.52 2.11 -11.58
CA VAL A 50 4.58 2.49 -10.66
C VAL A 50 5.59 1.36 -10.47
N GLN A 51 5.09 0.14 -10.27
CA GLN A 51 6.01 -0.96 -10.05
C GLN A 51 6.88 -1.17 -11.29
N ARG A 52 6.30 -1.13 -12.49
CA ARG A 52 7.11 -1.37 -13.68
C ARG A 52 8.21 -0.32 -13.79
N ASN A 53 7.84 0.95 -13.53
CA ASN A 53 8.82 2.01 -13.70
CA ASN A 53 8.75 2.08 -13.64
C ASN A 53 9.81 2.06 -12.57
N HIS A 54 9.61 1.31 -11.49
CA HIS A 54 10.56 1.23 -10.41
C HIS A 54 11.17 -0.15 -10.23
N GLU A 55 11.11 -1.02 -11.23
CA GLU A 55 11.57 -2.40 -10.99
C GLU A 55 12.98 -2.46 -10.43
N THR A 56 13.92 -1.73 -11.06
CA THR A 56 15.30 -1.81 -10.64
C THR A 56 15.48 -1.17 -9.27
N ALA A 57 14.87 -0.01 -9.06
CA ALA A 57 15.03 0.67 -7.78
C ALA A 57 14.41 -0.14 -6.65
N PHE A 58 13.18 -0.63 -6.86
CA PHE A 58 12.53 -1.45 -5.85
C PHE A 58 13.32 -2.69 -5.56
N GLN A 59 13.84 -3.34 -6.61
CA GLN A 59 14.70 -4.52 -6.38
C GLN A 59 15.87 -4.18 -5.49
N GLY A 60 16.53 -3.05 -5.76
CA GLY A 60 17.70 -2.69 -4.96
C GLY A 60 17.38 -2.42 -3.51
N MET A 61 16.32 -1.65 -3.25
CA MET A 61 15.97 -1.39 -1.86
C MET A 61 15.52 -2.67 -1.18
N LEU A 62 14.74 -3.48 -1.89
CA LEU A 62 14.22 -4.69 -1.24
C LEU A 62 15.36 -5.62 -0.84
N ARG A 63 16.37 -5.76 -1.70
CA ARG A 63 17.50 -6.62 -1.34
C ARG A 63 18.16 -6.10 -0.06
N LYS A 64 18.23 -4.77 0.13
CA LYS A 64 18.85 -4.27 1.36
C LYS A 64 17.95 -4.51 2.57
N LEU A 65 16.61 -4.39 2.41
CA LEU A 65 15.69 -4.70 3.51
C LEU A 65 15.84 -6.12 4.02
N ASP A 66 16.16 -7.08 3.16
CA ASP A 66 16.43 -8.45 3.56
C ASP A 66 15.28 -9.08 4.35
N ILE A 67 14.15 -9.22 3.67
CA ILE A 67 12.90 -9.69 4.29
C ILE A 67 12.78 -11.21 4.18
N ALA A 68 12.75 -11.90 5.33
CA ALA A 68 12.69 -13.35 5.30
C ALA A 68 11.52 -13.92 6.10
N ASN A 69 10.82 -13.11 6.89
CA ASN A 69 9.83 -13.67 7.82
C ASN A 69 8.97 -12.56 8.44
N GLU A 70 8.09 -12.98 9.35
CA GLU A 70 7.13 -12.04 9.90
C GLU A 70 7.75 -10.96 10.76
N ASP A 71 8.89 -11.21 11.38
CA ASP A 71 9.51 -10.20 12.23
C ASP A 71 10.10 -9.09 11.36
N ASP A 72 10.68 -9.47 10.23
CA ASP A 72 11.15 -8.49 9.26
C ASP A 72 9.99 -7.66 8.72
N VAL A 73 8.87 -8.32 8.40
CA VAL A 73 7.72 -7.57 7.90
C VAL A 73 7.19 -6.63 8.95
N LYS A 74 7.11 -7.07 10.22
CA LYS A 74 6.67 -6.18 11.30
C LYS A 74 7.54 -4.94 11.43
N SER A 75 8.85 -5.08 11.23
CA SER A 75 9.75 -3.92 11.34
C SER A 75 9.41 -2.83 10.34
N LEU A 76 8.68 -3.15 9.27
CA LEU A 76 8.38 -2.13 8.25
C LEU A 76 7.39 -1.10 8.72
N SER A 77 6.64 -1.34 9.81
CA SER A 77 5.69 -0.32 10.26
C SER A 77 6.42 0.99 10.61
N ARG A 78 7.46 0.91 11.42
CA ARG A 78 8.18 2.13 11.79
C ARG A 78 8.93 2.74 10.61
N VAL A 79 9.38 1.89 9.65
CA VAL A 79 10.02 2.43 8.45
C VAL A 79 9.02 3.29 7.68
N MET A 80 7.79 2.76 7.50
CA MET A 80 6.77 3.52 6.78
C MET A 80 6.37 4.80 7.52
N ILE A 81 6.30 4.76 8.86
CA ILE A 81 6.00 5.99 9.60
C ILE A 81 7.05 7.04 9.32
N HIS A 82 8.33 6.61 9.24
CA HIS A 82 9.43 7.54 8.92
C HIS A 82 9.36 8.11 7.49
N VAL A 83 8.72 7.42 6.56
CA VAL A 83 8.53 8.05 5.23
C VAL A 83 7.79 9.40 5.38
N PHE A 84 6.68 9.41 6.16
CA PHE A 84 5.83 10.59 6.26
C PHE A 84 6.44 11.70 7.08
N SER A 85 7.58 11.44 7.72
CA SER A 85 8.28 12.45 8.51
C SER A 85 8.85 13.60 7.69
N ASP A 86 8.94 13.47 6.34
CA ASP A 86 9.39 14.60 5.51
C ASP A 86 8.32 15.65 5.29
N GLY A 87 7.09 15.43 5.77
CA GLY A 87 6.08 16.45 5.55
C GLY A 87 5.42 16.43 4.20
N VAL A 88 5.83 15.52 3.31
CA VAL A 88 5.21 15.43 1.99
C VAL A 88 3.93 14.62 2.12
N THR A 89 2.81 15.19 1.67
CA THR A 89 1.53 14.47 1.62
C THR A 89 0.88 14.71 0.28
N ASN A 90 0.82 13.68 -0.54
CA ASN A 90 0.11 13.77 -1.82
C ASN A 90 -0.17 12.34 -2.27
N TRP A 91 -1.04 12.23 -3.32
CA TRP A 91 -1.43 10.90 -3.75
C TRP A 91 -0.27 10.16 -4.39
N GLY A 92 0.66 10.89 -5.00
CA GLY A 92 1.80 10.20 -5.61
C GLY A 92 2.63 9.47 -4.58
N ARG A 93 2.94 10.15 -3.47
CA ARG A 93 3.70 9.50 -2.40
C ARG A 93 2.90 8.36 -1.80
N ILE A 94 1.59 8.55 -1.61
CA ILE A 94 0.80 7.48 -1.01
C ILE A 94 0.70 6.28 -1.95
N VAL A 95 0.43 6.51 -3.22
CA VAL A 95 0.26 5.36 -4.11
C VAL A 95 1.60 4.67 -4.30
N THR A 96 2.72 5.40 -4.26
CA THR A 96 3.99 4.75 -4.43
C THR A 96 4.36 3.96 -3.20
N LEU A 97 4.00 4.43 -2.01
CA LEU A 97 4.19 3.61 -0.78
C LEU A 97 3.42 2.30 -0.87
N ILE A 98 2.14 2.39 -1.29
CA ILE A 98 1.35 1.20 -1.46
C ILE A 98 1.96 0.27 -2.51
N SER A 99 2.47 0.84 -3.64
CA SER A 99 3.06 0.06 -4.71
C SER A 99 4.31 -0.67 -4.26
N PHE A 100 5.17 -0.04 -3.40
CA PHE A 100 6.31 -0.78 -2.90
C PHE A 100 5.83 -1.86 -1.95
N GLY A 101 4.78 -1.58 -1.17
CA GLY A 101 4.20 -2.66 -0.38
C GLY A 101 3.80 -3.84 -1.22
N ALA A 102 3.15 -3.59 -2.37
CA ALA A 102 2.80 -4.68 -3.29
C ALA A 102 4.04 -5.40 -3.80
N PHE A 103 5.12 -4.65 -4.09
CA PHE A 103 6.35 -5.30 -4.50
C PHE A 103 6.89 -6.22 -3.40
N VAL A 104 6.81 -5.76 -2.15
CA VAL A 104 7.20 -6.64 -1.03
C VAL A 104 6.30 -7.86 -0.99
N ALA A 105 5.00 -7.69 -1.22
CA ALA A 105 4.11 -8.85 -1.18
C ALA A 105 4.48 -9.86 -2.26
N LYS A 106 4.90 -9.39 -3.43
CA LYS A 106 5.38 -10.32 -4.46
C LYS A 106 6.59 -11.09 -3.96
N HIS A 107 7.51 -10.38 -3.29
CA HIS A 107 8.67 -11.03 -2.75
C HIS A 107 8.27 -12.07 -1.71
N LEU A 108 7.26 -11.72 -0.88
CA LEU A 108 6.85 -12.68 0.16
C LEU A 108 6.31 -13.94 -0.48
N LYS A 109 5.58 -13.79 -1.59
CA LYS A 109 5.17 -14.98 -2.34
C LYS A 109 6.38 -15.78 -2.82
N THR A 110 7.39 -15.10 -3.41
CA THR A 110 8.53 -15.83 -3.96
C THR A 110 9.24 -16.67 -2.90
N ILE A 111 9.35 -16.16 -1.67
CA ILE A 111 10.12 -16.83 -0.63
C ILE A 111 9.23 -17.66 0.29
N ASN A 112 8.00 -17.93 -0.10
CA ASN A 112 7.08 -18.82 0.64
C ASN A 112 6.73 -18.24 2.02
N GLN A 113 6.52 -16.92 2.06
CA GLN A 113 6.06 -16.24 3.27
C GLN A 113 4.77 -15.48 3.03
N GLU A 114 3.87 -16.07 2.25
CA GLU A 114 2.60 -15.40 1.99
C GLU A 114 1.77 -15.11 3.24
N SER A 115 1.99 -15.86 4.33
CA SER A 115 1.29 -15.60 5.59
C SER A 115 1.56 -14.23 6.11
N CYS A 116 2.63 -13.57 5.64
CA CYS A 116 2.91 -12.22 6.09
C CYS A 116 2.22 -11.17 5.25
N ILE A 117 1.51 -11.50 4.16
CA ILE A 117 0.95 -10.46 3.32
C ILE A 117 -0.22 -9.75 3.99
N ALA A 118 -1.14 -10.48 4.60
CA ALA A 118 -2.28 -9.77 5.21
C ALA A 118 -1.80 -8.90 6.38
N PRO A 119 -0.89 -9.35 7.24
CA PRO A 119 -0.32 -8.42 8.24
C PRO A 119 0.36 -7.20 7.62
N LEU A 120 1.10 -7.38 6.53
CA LEU A 120 1.67 -6.24 5.85
C LEU A 120 0.61 -5.25 5.37
N ALA A 121 -0.45 -5.77 4.73
CA ALA A 121 -1.49 -4.86 4.26
C ALA A 121 -2.17 -4.14 5.41
N GLU A 122 -2.35 -4.85 6.54
CA GLU A 122 -2.96 -4.16 7.71
C GLU A 122 -2.01 -3.08 8.23
N SER A 123 -0.72 -3.37 8.19
CA SER A 123 0.25 -2.41 8.69
C SER A 123 0.32 -1.17 7.80
N ILE A 124 0.27 -1.35 6.47
CA ILE A 124 0.27 -0.20 5.56
C ILE A 124 -0.99 0.61 5.83
N THR A 125 -2.14 -0.09 5.97
CA THR A 125 -3.42 0.59 6.21
C THR A 125 -3.34 1.38 7.50
N ASP A 126 -2.79 0.75 8.55
CA ASP A 126 -2.75 1.40 9.85
CA ASP A 126 -2.75 1.40 9.85
C ASP A 126 -1.86 2.63 9.79
N VAL A 127 -0.69 2.50 9.15
CA VAL A 127 0.20 3.66 9.12
C VAL A 127 -0.46 4.78 8.32
N LEU A 128 -1.09 4.44 7.18
CA LEU A 128 -1.63 5.48 6.32
C LEU A 128 -2.78 6.19 7.04
N VAL A 129 -3.70 5.41 7.64
CA VAL A 129 -4.88 6.07 8.18
C VAL A 129 -4.54 6.77 9.50
N ARG A 130 -3.67 6.23 10.36
CA ARG A 130 -3.29 6.94 11.59
C ARG A 130 -2.49 8.19 11.28
N THR A 131 -1.59 8.14 10.29
CA THR A 131 -0.70 9.25 10.04
C THR A 131 -1.38 10.36 9.26
N LYS A 132 -2.27 9.98 8.34
CA LYS A 132 -2.85 10.91 7.35
C LYS A 132 -4.36 10.90 7.36
N ARG A 133 -5.00 10.49 8.45
CA ARG A 133 -6.46 10.55 8.54
C ARG A 133 -7.01 11.88 8.09
N ASP A 134 -6.48 12.97 8.66
CA ASP A 134 -7.15 14.25 8.46
C ASP A 134 -6.96 14.75 7.02
N TRP A 135 -5.80 14.48 6.42
CA TRP A 135 -5.64 14.82 5.02
C TRP A 135 -6.54 13.93 4.15
N LEU A 136 -6.63 12.62 4.46
CA LEU A 136 -7.46 11.74 3.63
C LEU A 136 -8.89 12.20 3.66
N VAL A 137 -9.37 12.64 4.84
CA VAL A 137 -10.77 13.05 4.91
C VAL A 137 -10.98 14.30 4.08
N ALA A 138 -10.04 15.22 4.14
CA ALA A 138 -10.17 16.44 3.35
C ALA A 138 -10.20 16.15 1.86
N GLN A 139 -9.51 15.09 1.42
CA GLN A 139 -9.55 14.70 0.01
C GLN A 139 -10.78 13.93 -0.41
N ARG A 140 -11.73 13.67 0.49
CA ARG A 140 -12.83 12.72 0.30
C ARG A 140 -12.27 11.35 0.00
N GLY A 141 -11.19 11.02 0.70
CA GLY A 141 -10.81 9.60 0.73
C GLY A 141 -10.52 9.00 -0.62
N TRP A 142 -10.98 7.78 -0.79
CA TRP A 142 -10.73 7.02 -2.01
C TRP A 142 -11.48 7.60 -3.19
N ASP A 143 -12.56 8.38 -3.02
CA ASP A 143 -13.10 9.11 -4.18
C ASP A 143 -12.09 10.15 -4.68
N GLY A 144 -11.36 10.80 -3.79
CA GLY A 144 -10.29 11.73 -4.18
C GLY A 144 -9.21 11.02 -4.93
N PHE A 145 -8.86 9.81 -4.48
CA PHE A 145 -7.82 9.01 -5.16
C PHE A 145 -8.24 8.71 -6.60
N VAL A 146 -9.48 8.24 -6.77
CA VAL A 146 -9.98 7.92 -8.12
C VAL A 146 -9.94 9.17 -8.98
N GLU A 147 -10.43 10.31 -8.46
CA GLU A 147 -10.34 11.59 -9.24
C GLU A 147 -8.92 11.94 -9.62
N PHE A 148 -7.97 11.77 -8.70
CA PHE A 148 -6.65 12.29 -8.99
C PHE A 148 -6.05 11.52 -10.14
N PHE A 149 -6.28 10.20 -10.19
CA PHE A 149 -5.59 9.36 -11.17
C PHE A 149 -6.45 9.03 -12.39
N HIS A 150 -7.54 9.76 -12.61
CA HIS A 150 -8.37 9.49 -13.76
C HIS A 150 -7.64 9.88 -15.07
#